data_3TL2
#
_entry.id   3TL2
#
_cell.length_a   67.181
_cell.length_b   68.377
_cell.length_c   142.919
_cell.angle_alpha   90.00
_cell.angle_beta   90.00
_cell.angle_gamma   90.00
#
_symmetry.space_group_name_H-M   'I 2 2 2'
#
loop_
_entity.id
_entity.type
_entity.pdbx_description
1 polymer 'Malate dehydrogenase'
2 non-polymer 1,2-ETHANEDIOL
3 non-polymer 'THIOCYANATE ION'
4 water water
#
_entity_poly.entity_id   1
_entity_poly.type   'polypeptide(L)'
_entity_poly.pdbx_seq_one_letter_code
;SNAMTIKRKKVSVIGAGFTGATTAFLLAQKELADVVLVDIPQLENPTKGKALDMLEASPVQGFDANIIGTSDYADTADSD
VVVITAGIARKPGMSRDDLVATNSKIMKSITRDIAKHSPNAIIVVLTNPVDAMTYSVFKEAGFPKERVIGQSGVLDTARF
RTFIAQELNLSVKDITGFVLGGHGDDMVPLVRYSYAGGIPLETLIPKERLEAIVERTRKGGGEIVGLLGNGSAYYAPAAS
LVEMTEAILKDQRRVLPAIAYLEGEYGYSDLYLGVPVILGGNGIEKIIELELLADEKEALDRSVESVRNVMKVLV
;
_entity_poly.pdbx_strand_id   A
#
loop_
_chem_comp.id
_chem_comp.type
_chem_comp.name
_chem_comp.formula
EDO non-polymer 1,2-ETHANEDIOL 'C2 H6 O2'
SCN non-polymer 'THIOCYANATE ION' 'C N S -1'
#
# COMPACT_ATOMS: atom_id res chain seq x y z
N MET A 4 9.85 29.83 -8.11
CA MET A 4 9.78 30.97 -7.16
C MET A 4 8.49 30.92 -6.31
N THR A 5 7.31 30.83 -6.94
CA THR A 5 6.06 30.72 -6.14
C THR A 5 6.20 29.46 -5.32
N ILE A 6 5.88 29.53 -4.03
CA ILE A 6 5.87 28.35 -3.18
C ILE A 6 4.62 27.61 -3.61
N LYS A 7 4.73 26.35 -3.97
CA LYS A 7 3.52 25.69 -4.46
C LYS A 7 3.23 24.41 -3.71
N ARG A 8 1.96 24.02 -3.71
CA ARG A 8 1.57 22.80 -3.07
C ARG A 8 2.16 21.57 -3.77
N LYS A 9 2.26 20.51 -2.98
CA LYS A 9 2.62 19.23 -3.52
C LYS A 9 1.45 18.79 -4.39
N LYS A 10 1.72 17.83 -5.27
CA LYS A 10 0.70 17.29 -6.13
C LYS A 10 0.74 15.78 -6.08
N VAL A 11 -0.40 15.17 -5.83
CA VAL A 11 -0.55 13.76 -5.90
C VAL A 11 -1.63 13.39 -6.88
N SER A 12 -1.32 12.43 -7.74
CA SER A 12 -2.34 11.81 -8.56
C SER A 12 -2.70 10.45 -8.00
N VAL A 13 -3.99 10.14 -7.97
CA VAL A 13 -4.49 8.85 -7.49
C VAL A 13 -5.13 8.18 -8.68
N ILE A 14 -4.60 7.02 -9.09
CA ILE A 14 -5.04 6.32 -10.26
C ILE A 14 -6.06 5.27 -9.84
N GLY A 15 -7.27 5.39 -10.38
CA GLY A 15 -8.40 4.51 -10.06
C GLY A 15 -9.32 5.21 -9.12
N ALA A 16 -10.59 5.38 -9.53
CA ALA A 16 -11.54 6.13 -8.76
C ALA A 16 -12.56 5.24 -8.10
N GLY A 17 -12.21 3.96 -7.90
CA GLY A 17 -13.02 3.12 -7.02
C GLY A 17 -12.88 3.54 -5.60
N PHE A 18 -13.49 2.75 -4.70
CA PHE A 18 -13.57 3.22 -3.32
C PHE A 18 -12.23 3.44 -2.64
N THR A 19 -11.24 2.62 -2.90
CA THR A 19 -9.93 2.85 -2.23
CA THR A 19 -9.92 2.82 -2.28
C THR A 19 -9.27 4.10 -2.80
N GLY A 20 -9.31 4.25 -4.11
CA GLY A 20 -8.72 5.47 -4.73
C GLY A 20 -9.42 6.79 -4.30
N ALA A 21 -10.75 6.77 -4.33
CA ALA A 21 -11.52 7.94 -3.95
C ALA A 21 -11.25 8.28 -2.51
N THR A 22 -11.22 7.25 -1.65
CA THR A 22 -11.01 7.45 -0.27
C THR A 22 -9.64 8.00 0.02
N THR A 23 -8.62 7.53 -0.71
CA THR A 23 -7.25 8.04 -0.58
C THR A 23 -7.19 9.51 -0.95
N ALA A 24 -7.84 9.86 -2.07
CA ALA A 24 -7.89 11.25 -2.51
C ALA A 24 -8.49 12.16 -1.45
N PHE A 25 -9.60 11.72 -0.88
CA PHE A 25 -10.26 12.52 0.15
C PHE A 25 -9.39 12.71 1.36
N LEU A 26 -8.83 11.61 1.86
CA LEU A 26 -7.93 11.68 3.04
C LEU A 26 -6.71 12.55 2.79
N LEU A 27 -6.10 12.51 1.59
CA LEU A 27 -4.98 13.37 1.32
C LEU A 27 -5.41 14.85 1.37
N ALA A 28 -6.55 15.14 0.73
CA ALA A 28 -7.04 16.52 0.67
C ALA A 28 -7.37 17.02 2.07
N GLN A 29 -7.98 16.14 2.84
CA GLN A 29 -8.44 16.49 4.14
C GLN A 29 -7.28 16.93 5.06
N LYS A 30 -6.13 16.29 4.89
CA LYS A 30 -4.92 16.58 5.61
C LYS A 30 -4.07 17.75 5.04
N GLU A 31 -4.58 18.37 3.96
CA GLU A 31 -3.89 19.47 3.25
C GLU A 31 -2.47 19.06 2.85
N LEU A 32 -2.36 17.82 2.37
CA LEU A 32 -1.04 17.32 2.00
C LEU A 32 -0.61 17.71 0.62
N ALA A 33 -1.60 17.94 -0.23
CA ALA A 33 -1.38 18.13 -1.64
C ALA A 33 -2.62 18.58 -2.34
N ASP A 34 -2.43 19.07 -3.56
CA ASP A 34 -3.56 19.12 -4.48
C ASP A 34 -3.66 17.73 -5.08
N VAL A 35 -4.89 17.31 -5.34
CA VAL A 35 -5.15 15.94 -5.76
C VAL A 35 -5.76 15.87 -7.13
N VAL A 36 -5.27 14.93 -7.95
CA VAL A 36 -5.81 14.61 -9.25
C VAL A 36 -6.29 13.15 -9.20
N LEU A 37 -7.61 12.92 -9.33
CA LEU A 37 -8.21 11.60 -9.29
C LEU A 37 -8.47 11.17 -10.73
N VAL A 38 -7.84 10.06 -11.13
CA VAL A 38 -7.80 9.64 -12.52
C VAL A 38 -8.52 8.32 -12.74
N ASP A 39 -9.24 8.22 -13.84
CA ASP A 39 -9.79 6.97 -14.31
C ASP A 39 -9.99 7.02 -15.81
N ILE A 40 -10.56 5.97 -16.39
CA ILE A 40 -10.63 5.87 -17.83
C ILE A 40 -11.63 6.87 -18.41
N PRO A 41 -11.47 7.21 -19.70
CA PRO A 41 -12.37 8.20 -20.33
C PRO A 41 -13.86 7.86 -20.17
N GLN A 42 -14.18 6.58 -20.22
CA GLN A 42 -15.57 6.14 -20.16
C GLN A 42 -16.18 6.44 -18.81
N LEU A 43 -15.34 6.72 -17.80
CA LEU A 43 -15.85 6.98 -16.45
C LEU A 43 -15.54 8.39 -16.00
N GLU A 44 -15.29 9.27 -16.94
CA GLU A 44 -14.92 10.65 -16.64
C GLU A 44 -15.95 11.37 -15.77
N ASN A 45 -17.21 11.23 -16.10
CA ASN A 45 -18.19 11.96 -15.33
C ASN A 45 -18.32 11.43 -13.89
N PRO A 46 -18.41 10.15 -13.70
CA PRO A 46 -18.37 9.72 -12.27
C PRO A 46 -17.09 10.14 -11.50
N THR A 47 -15.94 10.10 -12.16
CA THR A 47 -14.68 10.54 -11.51
C THR A 47 -14.78 11.98 -11.12
N LYS A 48 -15.30 12.80 -12.04
CA LYS A 48 -15.54 14.24 -11.72
C LYS A 48 -16.56 14.46 -10.63
N GLY A 49 -17.56 13.61 -10.57
CA GLY A 49 -18.55 13.71 -9.54
C GLY A 49 -18.03 13.38 -8.13
N LYS A 50 -17.19 12.36 -8.05
CA LYS A 50 -16.53 12.02 -6.80
C LYS A 50 -15.64 13.15 -6.34
N ALA A 51 -14.85 13.67 -7.24
CA ALA A 51 -13.95 14.73 -6.87
C ALA A 51 -14.66 16.00 -6.47
N LEU A 52 -15.74 16.31 -7.16
CA LEU A 52 -16.53 17.48 -6.80
C LEU A 52 -17.17 17.36 -5.43
N ASP A 53 -17.70 16.18 -5.12
CA ASP A 53 -18.32 15.97 -3.81
C ASP A 53 -17.28 16.15 -2.70
N MET A 54 -16.11 15.57 -2.90
CA MET A 54 -15.02 15.78 -1.96
C MET A 54 -14.67 17.26 -1.83
N LEU A 55 -14.55 17.96 -2.94
CA LEU A 55 -14.21 19.37 -2.90
C LEU A 55 -15.25 20.19 -2.13
N GLU A 56 -16.50 19.83 -2.30
CA GLU A 56 -17.61 20.53 -1.66
C GLU A 56 -17.65 20.28 -0.16
N ALA A 57 -16.95 19.25 0.33
CA ALA A 57 -16.77 19.02 1.78
C ALA A 57 -15.74 19.99 2.36
N SER A 58 -14.87 20.52 1.53
CA SER A 58 -13.71 21.22 2.03
C SER A 58 -14.02 22.47 2.84
N PRO A 59 -15.08 23.24 2.48
CA PRO A 59 -15.33 24.42 3.32
C PRO A 59 -15.86 24.07 4.73
N VAL A 60 -16.48 22.92 4.85
CA VAL A 60 -17.08 22.51 6.12
C VAL A 60 -16.01 22.25 7.13
N GLN A 61 -15.04 21.42 6.76
CA GLN A 61 -13.92 20.90 7.56
CA GLN A 61 -13.99 21.15 7.77
C GLN A 61 -12.77 21.92 7.55
N GLY A 62 -12.81 22.84 6.56
CA GLY A 62 -11.91 23.95 6.36
C GLY A 62 -10.60 23.70 5.63
N PHE A 63 -10.52 22.61 4.90
CA PHE A 63 -9.25 22.26 4.28
C PHE A 63 -9.05 22.90 2.94
N ASP A 64 -7.85 23.39 2.66
CA ASP A 64 -7.57 24.05 1.41
C ASP A 64 -6.87 23.06 0.50
N ALA A 65 -7.63 22.47 -0.44
CA ALA A 65 -7.06 21.57 -1.45
C ALA A 65 -7.85 21.70 -2.76
N ASN A 66 -7.14 21.63 -3.87
CA ASN A 66 -7.81 21.46 -5.15
C ASN A 66 -7.97 19.97 -5.32
N ILE A 67 -9.09 19.53 -5.87
CA ILE A 67 -9.33 18.14 -6.17
C ILE A 67 -10.03 18.08 -7.50
N ILE A 68 -9.43 17.46 -8.51
CA ILE A 68 -10.07 17.39 -9.79
C ILE A 68 -10.20 15.96 -10.19
N GLY A 69 -11.16 15.69 -11.06
CA GLY A 69 -11.30 14.36 -11.66
C GLY A 69 -10.96 14.44 -13.11
N THR A 70 -10.37 13.39 -13.66
CA THR A 70 -9.91 13.43 -15.01
C THR A 70 -9.82 12.07 -15.67
N SER A 71 -9.72 12.06 -17.01
CA SER A 71 -9.25 10.91 -17.75
C SER A 71 -8.05 11.25 -18.60
N ASP A 72 -7.47 12.44 -18.39
CA ASP A 72 -6.38 12.92 -19.25
C ASP A 72 -5.14 12.95 -18.41
N TYR A 73 -4.21 12.05 -18.71
CA TYR A 73 -2.92 11.98 -17.96
C TYR A 73 -2.09 13.30 -18.01
N ALA A 74 -2.35 14.17 -18.96
CA ALA A 74 -1.77 15.54 -18.92
C ALA A 74 -2.00 16.24 -17.59
N ASP A 75 -3.16 15.96 -16.98
CA ASP A 75 -3.50 16.59 -15.71
C ASP A 75 -2.67 16.06 -14.53
N THR A 76 -1.96 14.95 -14.76
CA THR A 76 -1.08 14.36 -13.73
C THR A 76 0.34 14.91 -13.78
N ALA A 77 0.62 15.80 -14.73
CA ALA A 77 1.97 16.24 -14.95
C ALA A 77 2.67 16.78 -13.68
N ASP A 78 3.90 16.32 -13.48
CA ASP A 78 4.77 16.80 -12.39
C ASP A 78 4.20 16.47 -11.04
N SER A 79 3.61 15.29 -10.93
CA SER A 79 3.14 14.80 -9.63
C SER A 79 4.33 14.38 -8.79
N ASP A 80 4.32 14.76 -7.53
CA ASP A 80 5.33 14.35 -6.58
C ASP A 80 5.20 12.85 -6.21
N VAL A 81 3.95 12.41 -5.96
CA VAL A 81 3.63 11.01 -5.70
C VAL A 81 2.44 10.64 -6.61
N VAL A 82 2.47 9.43 -7.11
CA VAL A 82 1.35 8.85 -7.85
C VAL A 82 1.00 7.54 -7.14
N VAL A 83 -0.25 7.42 -6.69
CA VAL A 83 -0.71 6.29 -5.98
C VAL A 83 -1.57 5.48 -6.94
N ILE A 84 -1.21 4.22 -7.16
CA ILE A 84 -1.94 3.35 -8.12
C ILE A 84 -2.86 2.46 -7.40
N THR A 85 -4.18 2.66 -7.60
CA THR A 85 -5.22 1.80 -6.99
C THR A 85 -6.06 1.08 -8.07
N ALA A 86 -5.72 1.25 -9.34
CA ALA A 86 -6.48 0.68 -10.44
C ALA A 86 -6.35 -0.85 -10.47
N GLY A 87 -7.24 -1.47 -11.19
CA GLY A 87 -7.27 -2.92 -11.30
C GLY A 87 -8.37 -3.60 -10.50
N ILE A 88 -8.45 -4.91 -10.68
CA ILE A 88 -9.40 -5.79 -10.03
C ILE A 88 -8.92 -6.08 -8.61
N ALA A 89 -9.84 -5.98 -7.66
CA ALA A 89 -9.57 -6.29 -6.27
C ALA A 89 -9.36 -7.78 -6.06
N ARG A 90 -8.46 -8.10 -5.16
CA ARG A 90 -8.22 -9.44 -4.67
C ARG A 90 -9.49 -9.94 -4.00
N LYS A 91 -9.78 -11.22 -4.19
CA LYS A 91 -10.87 -11.89 -3.47
C LYS A 91 -10.44 -13.30 -3.07
N PRO A 92 -10.99 -13.87 -1.98
CA PRO A 92 -10.80 -15.32 -1.69
C PRO A 92 -11.14 -16.20 -2.92
N GLY A 93 -10.31 -17.20 -3.19
CA GLY A 93 -10.62 -18.13 -4.30
C GLY A 93 -10.11 -17.67 -5.67
N MET A 94 -9.74 -16.38 -5.79
CA MET A 94 -9.00 -15.87 -6.96
CA MET A 94 -9.01 -15.92 -6.98
C MET A 94 -7.54 -16.28 -6.74
N SER A 95 -6.91 -16.92 -7.72
CA SER A 95 -5.50 -17.22 -7.57
C SER A 95 -4.63 -15.99 -7.92
N ARG A 96 -3.47 -15.87 -7.30
CA ARG A 96 -2.56 -14.80 -7.61
C ARG A 96 -2.19 -14.80 -9.10
N ASP A 97 -2.08 -15.98 -9.67
CA ASP A 97 -1.68 -16.05 -11.03
C ASP A 97 -2.71 -15.45 -11.99
N ASP A 98 -4.00 -15.71 -11.74
CA ASP A 98 -5.02 -15.13 -12.62
C ASP A 98 -5.10 -13.61 -12.46
N LEU A 99 -4.98 -13.16 -11.22
CA LEU A 99 -5.13 -11.74 -10.88
C LEU A 99 -3.96 -10.99 -11.47
N VAL A 100 -2.76 -11.55 -11.38
CA VAL A 100 -1.62 -10.84 -11.93
C VAL A 100 -1.73 -10.70 -13.45
N ALA A 101 -2.29 -11.69 -14.12
CA ALA A 101 -2.37 -11.62 -15.60
C ALA A 101 -3.28 -10.48 -16.02
N THR A 102 -4.44 -10.43 -15.32
CA THR A 102 -5.47 -9.40 -15.47
C THR A 102 -4.93 -8.04 -15.18
N ASN A 103 -4.43 -7.87 -13.97
CA ASN A 103 -3.98 -6.54 -13.55
C ASN A 103 -2.72 -6.08 -14.27
N SER A 104 -1.79 -6.95 -14.63
CA SER A 104 -0.58 -6.47 -15.28
C SER A 104 -0.87 -6.00 -16.72
N LYS A 105 -1.87 -6.59 -17.36
CA LYS A 105 -2.23 -6.15 -18.70
C LYS A 105 -2.81 -4.74 -18.64
N ILE A 106 -3.62 -4.48 -17.63
CA ILE A 106 -4.26 -3.18 -17.47
C ILE A 106 -3.20 -2.12 -17.22
N MET A 107 -2.23 -2.47 -16.42
CA MET A 107 -1.29 -1.52 -15.91
C MET A 107 -0.17 -1.01 -16.83
N LYS A 108 0.15 -1.79 -17.85
CA LYS A 108 1.24 -1.41 -18.74
C LYS A 108 1.07 0.02 -19.23
N SER A 109 -0.12 0.31 -19.80
CA SER A 109 -0.31 1.62 -20.48
C SER A 109 -0.38 2.66 -19.38
N ILE A 110 -0.92 2.28 -18.24
CA ILE A 110 -1.00 3.23 -17.10
C ILE A 110 0.38 3.70 -16.61
N THR A 111 1.27 2.76 -16.41
CA THR A 111 2.62 3.09 -15.95
C THR A 111 3.33 3.95 -16.96
N ARG A 112 3.19 3.60 -18.24
CA ARG A 112 3.85 4.41 -19.27
C ARG A 112 3.34 5.87 -19.22
N ASP A 113 2.03 6.05 -19.09
CA ASP A 113 1.40 7.37 -19.01
C ASP A 113 1.82 8.14 -17.78
N ILE A 114 1.92 7.44 -16.65
CA ILE A 114 2.41 8.09 -15.42
C ILE A 114 3.82 8.63 -15.64
N ALA A 115 4.73 7.77 -16.16
CA ALA A 115 6.14 8.07 -16.19
C ALA A 115 6.39 9.17 -17.20
N LYS A 116 5.64 9.14 -18.28
CA LYS A 116 5.77 10.15 -19.31
C LYS A 116 5.47 11.57 -18.79
N HIS A 117 4.49 11.69 -17.89
CA HIS A 117 4.05 12.98 -17.43
C HIS A 117 4.69 13.48 -16.15
N SER A 118 5.15 12.54 -15.31
CA SER A 118 5.87 12.82 -14.06
C SER A 118 7.13 11.92 -13.97
N PRO A 119 8.17 12.22 -14.77
CA PRO A 119 9.41 11.46 -14.75
C PRO A 119 10.11 11.39 -13.40
N ASN A 120 9.80 12.29 -12.47
CA ASN A 120 10.45 12.30 -11.17
C ASN A 120 9.51 11.92 -10.02
N ALA A 121 8.37 11.35 -10.38
CA ALA A 121 7.41 10.91 -9.33
C ALA A 121 7.94 9.72 -8.52
N ILE A 122 7.39 9.55 -7.33
CA ILE A 122 7.52 8.31 -6.57
C ILE A 122 6.18 7.67 -6.74
N ILE A 123 6.17 6.41 -7.13
CA ILE A 123 4.95 5.67 -7.31
C ILE A 123 4.75 4.73 -6.11
N VAL A 124 3.56 4.79 -5.54
CA VAL A 124 3.13 3.83 -4.49
C VAL A 124 2.02 2.95 -5.07
N VAL A 125 2.20 1.65 -5.06
CA VAL A 125 1.29 0.69 -5.72
C VAL A 125 0.46 -0.02 -4.71
N LEU A 126 -0.87 0.03 -4.89
CA LEU A 126 -1.77 -0.79 -4.07
C LEU A 126 -2.10 -2.09 -4.79
N THR A 127 -2.26 -2.02 -6.11
CA THR A 127 -2.83 -3.09 -6.90
C THR A 127 -2.24 -4.44 -6.60
N ASN A 128 -3.13 -5.41 -6.42
CA ASN A 128 -2.73 -6.80 -6.12
C ASN A 128 -2.63 -7.70 -7.33
N PRO A 129 -1.79 -8.75 -7.27
CA PRO A 129 -0.93 -9.15 -6.10
C PRO A 129 0.28 -8.25 -6.03
N VAL A 130 0.40 -7.49 -4.95
CA VAL A 130 1.24 -6.30 -4.95
C VAL A 130 2.73 -6.56 -5.13
N ASP A 131 3.24 -7.71 -4.68
CA ASP A 131 4.65 -8.04 -4.84
C ASP A 131 5.01 -8.14 -6.31
N ALA A 132 4.19 -8.83 -7.11
CA ALA A 132 4.43 -8.93 -8.54
C ALA A 132 3.98 -7.71 -9.30
N MET A 133 2.91 -7.05 -8.87
CA MET A 133 2.44 -5.88 -9.55
C MET A 133 3.41 -4.69 -9.39
N THR A 134 4.06 -4.58 -8.23
CA THR A 134 4.99 -3.47 -8.04
C THR A 134 6.18 -3.70 -8.97
N TYR A 135 6.58 -4.95 -9.12
CA TYR A 135 7.63 -5.30 -10.05
C TYR A 135 7.26 -4.95 -11.48
N SER A 136 6.02 -5.27 -11.87
CA SER A 136 5.58 -4.93 -13.20
C SER A 136 5.61 -3.40 -13.51
N VAL A 137 5.23 -2.61 -12.52
CA VAL A 137 5.27 -1.17 -12.61
C VAL A 137 6.74 -0.72 -12.69
N PHE A 138 7.58 -1.26 -11.81
CA PHE A 138 9.01 -0.94 -11.82
C PHE A 138 9.64 -1.21 -13.19
N LYS A 139 9.32 -2.34 -13.81
CA LYS A 139 9.97 -2.64 -15.08
C LYS A 139 9.53 -1.72 -16.22
N GLU A 140 8.34 -1.16 -16.13
CA GLU A 140 7.78 -0.34 -17.21
C GLU A 140 8.14 1.14 -17.04
N ALA A 141 8.34 1.56 -15.81
CA ALA A 141 8.42 2.98 -15.51
C ALA A 141 9.74 3.62 -15.87
N GLY A 142 10.84 2.87 -15.79
CA GLY A 142 12.12 3.51 -16.08
C GLY A 142 12.68 4.33 -14.94
N PHE A 143 12.10 4.10 -13.75
CA PHE A 143 12.52 4.78 -12.53
C PHE A 143 13.51 3.93 -11.70
N PRO A 144 14.36 4.60 -10.91
CA PRO A 144 15.15 3.94 -9.92
C PRO A 144 14.24 3.22 -8.95
N LYS A 145 14.70 2.09 -8.43
CA LYS A 145 13.93 1.22 -7.55
C LYS A 145 13.42 1.95 -6.35
N GLU A 146 14.17 2.93 -5.82
CA GLU A 146 13.77 3.61 -4.61
C GLU A 146 12.48 4.39 -4.79
N ARG A 147 12.12 4.67 -6.04
CA ARG A 147 10.97 5.47 -6.37
C ARG A 147 9.77 4.69 -6.83
N VAL A 148 9.80 3.35 -6.73
CA VAL A 148 8.65 2.48 -7.08
C VAL A 148 8.47 1.50 -5.92
N ILE A 149 7.37 1.69 -5.19
CA ILE A 149 7.16 0.97 -3.95
CA ILE A 149 7.13 1.11 -3.86
C ILE A 149 5.75 0.52 -3.84
N GLY A 150 5.55 -0.53 -3.06
CA GLY A 150 4.24 -1.03 -2.87
C GLY A 150 3.79 -1.00 -1.44
N GLN A 151 2.48 -1.02 -1.27
CA GLN A 151 1.84 -1.08 -0.01
C GLN A 151 1.46 -2.47 0.36
N SER A 152 1.76 -2.92 1.58
CA SER A 152 1.24 -4.22 2.01
C SER A 152 1.24 -4.31 3.51
N GLY A 153 2.43 -4.13 4.09
CA GLY A 153 2.56 -4.44 5.55
C GLY A 153 1.89 -3.40 6.41
N VAL A 154 1.72 -2.15 5.92
CA VAL A 154 1.03 -1.18 6.76
C VAL A 154 -0.38 -1.62 7.07
N LEU A 155 -1.09 -2.13 6.05
CA LEU A 155 -2.47 -2.57 6.24
C LEU A 155 -2.51 -3.80 7.17
N ASP A 156 -1.63 -4.78 6.90
CA ASP A 156 -1.61 -6.00 7.75
C ASP A 156 -1.31 -5.67 9.19
N THR A 157 -0.36 -4.78 9.42
CA THR A 157 -0.03 -4.38 10.80
C THR A 157 -1.18 -3.58 11.41
N ALA A 158 -1.90 -2.82 10.60
CA ALA A 158 -3.08 -2.08 11.11
C ALA A 158 -4.15 -3.01 11.60
N ARG A 159 -4.45 -4.05 10.81
CA ARG A 159 -5.40 -5.01 11.28
C ARG A 159 -4.95 -5.75 12.52
N PHE A 160 -3.72 -6.21 12.53
CA PHE A 160 -3.16 -6.85 13.73
C PHE A 160 -3.30 -5.96 14.94
N ARG A 161 -2.93 -4.68 14.79
CA ARG A 161 -2.95 -3.78 15.95
C ARG A 161 -4.36 -3.60 16.44
N THR A 162 -5.31 -3.58 15.51
CA THR A 162 -6.75 -3.43 15.87
C THR A 162 -7.19 -4.62 16.70
N PHE A 163 -6.85 -5.81 16.23
CA PHE A 163 -7.23 -7.04 16.95
C PHE A 163 -6.63 -7.14 18.36
N ILE A 164 -5.36 -6.77 18.47
CA ILE A 164 -4.65 -6.79 19.76
C ILE A 164 -5.26 -5.74 20.68
N ALA A 165 -5.48 -4.53 20.16
CA ALA A 165 -6.10 -3.46 20.95
C ALA A 165 -7.43 -3.86 21.52
N GLN A 166 -8.25 -4.53 20.72
CA GLN A 166 -9.53 -4.98 21.22
C GLN A 166 -9.37 -6.14 22.20
N GLU A 167 -8.39 -7.01 22.02
CA GLU A 167 -8.18 -8.13 22.92
C GLU A 167 -7.79 -7.67 24.31
N LEU A 168 -6.87 -6.71 24.35
CA LEU A 168 -6.36 -6.14 25.61
C LEU A 168 -7.14 -4.93 26.16
N ASN A 169 -8.10 -4.42 25.39
CA ASN A 169 -8.76 -3.14 25.67
C ASN A 169 -7.76 -2.02 25.97
N LEU A 170 -6.92 -1.75 24.98
CA LEU A 170 -5.86 -0.74 25.05
C LEU A 170 -5.88 0.16 23.85
N SER A 171 -5.39 1.37 24.03
CA SER A 171 -5.23 2.30 22.90
C SER A 171 -4.51 1.72 21.72
N VAL A 172 -5.07 1.91 20.51
CA VAL A 172 -4.33 1.57 19.31
C VAL A 172 -3.05 2.31 19.14
N LYS A 173 -2.92 3.47 19.78
CA LYS A 173 -1.72 4.27 19.67
C LYS A 173 -0.49 3.52 20.23
N ASP A 174 -0.73 2.57 21.13
CA ASP A 174 0.35 1.93 21.88
C ASP A 174 0.62 0.47 21.48
N ILE A 175 -0.13 -0.02 20.49
CA ILE A 175 0.11 -1.37 20.03
C ILE A 175 1.00 -1.28 18.77
N THR A 176 1.91 -2.22 18.63
CA THR A 176 2.72 -2.29 17.40
C THR A 176 2.70 -3.74 16.87
N GLY A 177 2.84 -3.86 15.59
CA GLY A 177 2.92 -5.16 14.95
C GLY A 177 4.11 -5.11 14.03
N PHE A 178 4.48 -6.26 13.48
CA PHE A 178 5.68 -6.32 12.65
C PHE A 178 5.51 -7.46 11.68
N VAL A 179 5.56 -7.17 10.42
CA VAL A 179 5.37 -8.22 9.42
C VAL A 179 6.36 -8.03 8.29
N LEU A 180 6.81 -9.14 7.76
CA LEU A 180 7.56 -9.16 6.53
C LEU A 180 6.78 -9.95 5.50
N GLY A 181 7.22 -9.84 4.25
N GLY A 181 7.29 -9.86 4.27
CA GLY A 181 6.73 -10.74 3.16
CA GLY A 181 6.66 -10.50 3.15
C GLY A 181 5.66 -10.26 2.18
C GLY A 181 5.30 -9.84 2.99
N GLY A 182 4.39 -10.61 2.50
CA GLY A 182 3.21 -10.08 1.92
C GLY A 182 1.96 -10.50 2.66
N HIS A 183 0.80 -10.59 1.97
CA HIS A 183 -0.44 -10.95 2.63
C HIS A 183 -0.65 -12.42 2.74
N GLY A 184 -1.58 -12.81 3.60
CA GLY A 184 -2.11 -14.16 3.58
C GLY A 184 -1.05 -15.16 3.99
N ASP A 185 -0.86 -16.18 3.16
CA ASP A 185 0.13 -17.24 3.42
C ASP A 185 1.57 -16.72 3.26
N ASP A 186 1.76 -15.63 2.51
CA ASP A 186 3.05 -14.97 2.35
C ASP A 186 3.48 -14.11 3.53
N MET A 187 2.57 -13.82 4.46
CA MET A 187 2.92 -12.95 5.61
C MET A 187 3.88 -13.69 6.54
N VAL A 188 4.93 -13.02 6.98
CA VAL A 188 5.86 -13.49 7.96
C VAL A 188 5.80 -12.56 9.16
N PRO A 189 4.90 -12.87 10.11
CA PRO A 189 4.84 -11.96 11.23
C PRO A 189 5.96 -12.24 12.21
N LEU A 190 6.42 -11.19 12.86
CA LEU A 190 7.32 -11.29 13.98
C LEU A 190 6.60 -10.84 15.24
N VAL A 191 5.89 -11.77 15.89
CA VAL A 191 5.23 -11.42 17.14
CA VAL A 191 5.24 -11.46 17.13
C VAL A 191 6.27 -11.07 18.19
N ARG A 192 7.50 -11.57 18.07
CA ARG A 192 8.52 -11.15 19.03
C ARG A 192 8.87 -9.68 18.93
N TYR A 193 8.55 -9.05 17.79
CA TYR A 193 8.73 -7.60 17.62
C TYR A 193 7.41 -6.87 17.63
N SER A 194 6.44 -7.40 18.38
CA SER A 194 5.10 -6.81 18.47
C SER A 194 4.81 -6.58 19.95
N TYR A 195 4.36 -5.36 20.28
CA TYR A 195 4.29 -4.90 21.68
C TYR A 195 3.01 -4.14 22.03
N ALA A 196 2.75 -4.02 23.32
CA ALA A 196 1.81 -3.05 23.90
C ALA A 196 2.62 -2.10 24.82
N GLY A 197 2.78 -0.88 24.39
CA GLY A 197 3.56 0.07 25.16
C GLY A 197 4.97 -0.40 25.33
N GLY A 198 5.46 -1.10 24.32
CA GLY A 198 6.83 -1.67 24.34
C GLY A 198 6.99 -3.01 25.01
N ILE A 199 5.96 -3.46 25.70
CA ILE A 199 5.93 -4.73 26.38
C ILE A 199 5.60 -5.83 25.38
N PRO A 200 6.48 -6.85 25.30
CA PRO A 200 6.19 -7.90 24.32
C PRO A 200 4.85 -8.58 24.47
N LEU A 201 4.09 -8.66 23.38
CA LEU A 201 2.77 -9.26 23.42
C LEU A 201 2.73 -10.71 23.86
N GLU A 202 3.80 -11.47 23.64
CA GLU A 202 3.89 -12.84 24.13
C GLU A 202 3.81 -12.98 25.61
N THR A 203 4.12 -11.89 26.33
CA THR A 203 3.99 -11.87 27.77
C THR A 203 2.59 -11.47 28.26
N LEU A 204 1.73 -11.01 27.36
CA LEU A 204 0.42 -10.45 27.71
C LEU A 204 -0.80 -11.23 27.23
N ILE A 205 -0.55 -12.08 26.24
CA ILE A 205 -1.60 -12.86 25.57
C ILE A 205 -1.12 -14.29 25.38
N PRO A 206 -1.92 -15.28 25.79
CA PRO A 206 -1.48 -16.68 25.65
C PRO A 206 -1.31 -17.10 24.22
N LYS A 207 -0.46 -18.09 24.02
CA LYS A 207 -0.03 -18.49 22.69
C LYS A 207 -1.18 -18.68 21.70
N GLU A 208 -2.19 -19.46 22.09
CA GLU A 208 -3.26 -19.83 21.17
C GLU A 208 -4.07 -18.60 20.74
N ARG A 209 -4.31 -17.68 21.69
CA ARG A 209 -5.02 -16.46 21.33
C ARG A 209 -4.20 -15.62 20.35
N LEU A 210 -2.91 -15.49 20.61
CA LEU A 210 -2.06 -14.74 19.75
C LEU A 210 -1.99 -15.37 18.35
N GLU A 211 -1.95 -16.71 18.28
CA GLU A 211 -1.99 -17.45 17.02
C GLU A 211 -3.30 -17.15 16.30
N ALA A 212 -4.40 -17.13 17.06
CA ALA A 212 -5.67 -16.85 16.40
C ALA A 212 -5.71 -15.44 15.78
N ILE A 213 -5.11 -14.47 16.48
CA ILE A 213 -5.05 -13.09 16.00
C ILE A 213 -4.12 -12.97 14.77
N VAL A 214 -3.02 -13.70 14.78
CA VAL A 214 -2.16 -13.73 13.59
C VAL A 214 -2.91 -14.30 12.38
N GLU A 215 -3.62 -15.40 12.58
CA GLU A 215 -4.43 -16.04 11.51
C GLU A 215 -5.51 -15.07 11.04
N ARG A 216 -6.12 -14.33 11.96
CA ARG A 216 -7.10 -13.32 11.57
C ARG A 216 -6.49 -12.25 10.71
N THR A 217 -5.27 -11.86 11.03
CA THR A 217 -4.56 -10.90 10.24
C THR A 217 -4.29 -11.45 8.85
N ARG A 218 -3.86 -12.72 8.76
CA ARG A 218 -3.60 -13.33 7.44
C ARG A 218 -4.83 -13.28 6.54
N LYS A 219 -5.99 -13.53 7.15
CA LYS A 219 -7.25 -13.61 6.44
C LYS A 219 -7.99 -12.26 6.40
N GLY A 220 -7.39 -11.18 6.89
CA GLY A 220 -8.17 -10.02 7.16
C GLY A 220 -8.87 -9.32 6.02
N GLY A 221 -8.25 -9.27 4.85
CA GLY A 221 -8.94 -8.68 3.70
C GLY A 221 -10.12 -9.49 3.27
N GLY A 222 -9.99 -10.82 3.34
CA GLY A 222 -11.10 -11.71 2.99
C GLY A 222 -12.23 -11.61 3.96
N GLU A 223 -11.88 -11.36 5.20
CA GLU A 223 -12.91 -11.18 6.22
C GLU A 223 -13.85 -10.04 5.86
N ILE A 224 -13.29 -8.94 5.41
CA ILE A 224 -14.07 -7.74 5.07
C ILE A 224 -14.87 -8.09 3.80
N VAL A 225 -14.22 -8.69 2.81
CA VAL A 225 -14.95 -9.16 1.60
C VAL A 225 -16.13 -10.06 1.98
N GLY A 226 -15.94 -10.99 2.91
CA GLY A 226 -17.05 -11.88 3.28
C GLY A 226 -18.24 -11.21 3.96
N LEU A 227 -17.96 -10.23 4.83
CA LEU A 227 -18.99 -9.49 5.54
C LEU A 227 -19.74 -8.61 4.53
N LEU A 228 -19.02 -8.00 3.61
CA LEU A 228 -19.65 -6.99 2.71
C LEU A 228 -20.59 -7.68 1.73
N GLY A 229 -20.23 -8.86 1.28
CA GLY A 229 -21.07 -9.55 0.29
C GLY A 229 -20.72 -9.10 -1.12
N ASN A 230 -20.64 -7.82 -1.37
CA ASN A 230 -20.05 -7.27 -2.60
C ASN A 230 -19.16 -6.11 -2.25
N GLY A 231 -18.01 -5.99 -2.94
CA GLY A 231 -16.98 -5.04 -2.64
C GLY A 231 -15.88 -5.55 -1.70
N SER A 232 -15.02 -4.63 -1.28
CA SER A 232 -13.89 -4.97 -0.48
C SER A 232 -13.52 -3.80 0.44
N ALA A 233 -12.54 -4.03 1.29
CA ALA A 233 -12.11 -3.00 2.26
C ALA A 233 -11.68 -1.78 1.51
N TYR A 234 -11.84 -0.61 2.09
CA TYR A 234 -11.22 0.58 1.48
C TYR A 234 -10.78 1.65 2.50
N TYR A 235 -11.39 1.72 3.68
CA TYR A 235 -10.92 2.68 4.66
C TYR A 235 -9.53 2.38 5.16
N ALA A 236 -9.28 1.15 5.58
CA ALA A 236 -7.94 0.88 6.10
C ALA A 236 -6.87 0.83 4.97
N PRO A 237 -7.21 0.27 3.80
CA PRO A 237 -6.24 0.36 2.70
C PRO A 237 -5.91 1.83 2.32
N ALA A 238 -6.92 2.70 2.29
CA ALA A 238 -6.71 4.10 2.00
C ALA A 238 -5.86 4.77 3.04
N ALA A 239 -6.17 4.56 4.29
CA ALA A 239 -5.40 5.12 5.35
C ALA A 239 -3.92 4.68 5.24
N SER A 240 -3.69 3.44 4.90
CA SER A 240 -2.33 2.88 4.77
C SER A 240 -1.58 3.60 3.63
N LEU A 241 -2.25 3.78 2.50
CA LEU A 241 -1.65 4.52 1.39
C LEU A 241 -1.28 5.94 1.77
N VAL A 242 -2.18 6.57 2.51
CA VAL A 242 -1.96 7.97 2.91
C VAL A 242 -0.82 8.11 3.90
N GLU A 243 -0.69 7.15 4.81
CA GLU A 243 0.45 7.20 5.73
C GLU A 243 1.75 7.11 4.99
N MET A 244 1.85 6.19 4.02
CA MET A 244 3.05 6.13 3.20
C MET A 244 3.29 7.41 2.38
N THR A 245 2.23 7.97 1.79
CA THR A 245 2.32 9.17 0.97
C THR A 245 2.80 10.34 1.84
N GLU A 246 2.24 10.44 3.02
CA GLU A 246 2.61 11.52 3.98
C GLU A 246 4.10 11.44 4.36
N ALA A 247 4.58 10.21 4.57
CA ALA A 247 6.00 9.98 4.95
C ALA A 247 6.89 10.55 3.87
N ILE A 248 6.46 10.36 2.60
CA ILE A 248 7.24 10.76 1.45
C ILE A 248 7.16 12.32 1.29
N LEU A 249 5.94 12.87 1.35
CA LEU A 249 5.72 14.26 1.01
C LEU A 249 6.35 15.14 2.06
N LYS A 250 6.32 14.65 3.29
CA LYS A 250 6.91 15.40 4.43
C LYS A 250 8.28 14.93 4.87
N ASP A 251 8.90 14.07 4.09
CA ASP A 251 10.24 13.51 4.33
C ASP A 251 10.40 13.10 5.79
N GLN A 252 9.51 12.24 6.23
CA GLN A 252 9.51 11.95 7.66
C GLN A 252 10.52 10.88 8.13
N ARG A 253 10.98 10.03 7.20
CA ARG A 253 11.92 8.96 7.51
C ARG A 253 11.26 8.08 8.56
N ARG A 254 10.06 7.64 8.23
CA ARG A 254 9.35 6.67 9.03
C ARG A 254 9.96 5.30 8.83
N VAL A 255 9.90 4.49 9.87
CA VAL A 255 10.21 3.06 9.80
C VAL A 255 8.93 2.29 9.62
N LEU A 256 8.72 1.71 8.44
CA LEU A 256 7.45 1.06 8.08
C LEU A 256 7.72 -0.13 7.19
N PRO A 257 6.85 -1.13 7.23
CA PRO A 257 6.97 -2.22 6.23
C PRO A 257 6.50 -1.72 4.87
N ALA A 258 7.27 -2.05 3.84
CA ALA A 258 6.89 -1.69 2.47
C ALA A 258 7.34 -2.76 1.52
N ILE A 259 6.73 -2.80 0.34
CA ILE A 259 7.10 -3.71 -0.72
C ILE A 259 8.21 -3.01 -1.50
N ALA A 260 9.46 -3.54 -1.42
CA ALA A 260 10.62 -2.86 -1.99
C ALA A 260 11.48 -3.81 -2.76
N TYR A 261 12.19 -3.28 -3.78
CA TYR A 261 13.01 -4.11 -4.62
C TYR A 261 14.31 -4.49 -3.95
N LEU A 262 14.59 -5.80 -3.91
CA LEU A 262 15.77 -6.32 -3.27
C LEU A 262 16.89 -6.62 -4.26
N GLU A 263 18.09 -6.18 -3.94
CA GLU A 263 19.31 -6.48 -4.72
C GLU A 263 20.39 -6.88 -3.73
N GLY A 264 20.11 -7.97 -3.02
CA GLY A 264 21.01 -8.50 -2.03
C GLY A 264 20.52 -8.53 -0.60
N GLU A 265 19.60 -7.63 -0.29
CA GLU A 265 19.07 -7.52 1.07
C GLU A 265 18.36 -8.81 1.40
N TYR A 266 18.55 -9.24 2.65
CA TYR A 266 18.05 -10.51 3.17
C TYR A 266 18.55 -11.74 2.40
N GLY A 267 19.58 -11.57 1.59
CA GLY A 267 20.09 -12.61 0.79
C GLY A 267 19.38 -12.79 -0.55
N TYR A 268 18.35 -12.00 -0.83
CA TYR A 268 17.58 -12.16 -2.06
C TYR A 268 17.88 -11.10 -3.08
N SER A 269 17.67 -11.44 -4.35
CA SER A 269 17.82 -10.48 -5.42
C SER A 269 16.76 -10.56 -6.49
N ASP A 270 16.46 -9.41 -7.06
CA ASP A 270 15.65 -9.30 -8.28
C ASP A 270 14.19 -9.63 -8.09
N LEU A 271 13.67 -9.24 -6.95
CA LEU A 271 12.23 -9.21 -6.72
C LEU A 271 11.86 -8.14 -5.75
N TYR A 272 10.57 -7.78 -5.76
CA TYR A 272 9.94 -7.00 -4.68
C TYR A 272 9.44 -7.91 -3.57
N LEU A 273 9.63 -7.47 -2.34
CA LEU A 273 9.26 -8.23 -1.14
C LEU A 273 8.93 -7.27 0.01
N GLY A 274 8.02 -7.65 0.91
CA GLY A 274 7.74 -6.84 2.04
C GLY A 274 8.87 -6.90 3.06
N VAL A 275 9.45 -5.75 3.37
CA VAL A 275 10.60 -5.64 4.22
C VAL A 275 10.48 -4.34 5.04
N PRO A 276 11.27 -4.20 6.10
CA PRO A 276 11.26 -2.93 6.84
C PRO A 276 12.07 -1.90 6.14
N VAL A 277 11.50 -0.70 5.93
CA VAL A 277 12.23 0.38 5.26
C VAL A 277 12.19 1.68 6.06
N ILE A 278 13.08 2.58 5.71
CA ILE A 278 12.98 3.96 6.05
C ILE A 278 12.40 4.67 4.84
N LEU A 279 11.29 5.31 5.06
CA LEU A 279 10.51 5.98 4.01
C LEU A 279 10.55 7.49 4.18
N GLY A 280 11.00 8.17 3.14
CA GLY A 280 11.08 9.61 3.16
C GLY A 280 11.05 10.21 1.75
N GLY A 281 11.62 11.40 1.62
CA GLY A 281 11.45 12.21 0.43
C GLY A 281 12.12 11.66 -0.82
N ASN A 282 13.00 10.69 -0.65
CA ASN A 282 13.63 9.98 -1.82
C ASN A 282 12.90 8.70 -2.18
N GLY A 283 11.86 8.38 -1.41
CA GLY A 283 11.20 7.09 -1.48
C GLY A 283 11.82 6.18 -0.46
N ILE A 284 12.32 5.04 -0.91
CA ILE A 284 13.05 4.12 -0.05
C ILE A 284 14.42 4.70 0.30
N GLU A 285 14.55 5.08 1.56
CA GLU A 285 15.83 5.62 2.02
C GLU A 285 16.80 4.53 2.37
N LYS A 286 16.30 3.39 2.84
CA LYS A 286 17.09 2.26 3.28
C LYS A 286 16.16 1.10 3.48
N ILE A 287 16.67 -0.10 3.16
CA ILE A 287 16.05 -1.32 3.58
C ILE A 287 16.79 -1.79 4.81
N ILE A 288 16.08 -2.02 5.89
CA ILE A 288 16.68 -2.42 7.15
C ILE A 288 16.69 -3.94 7.21
N GLU A 289 17.90 -4.50 7.36
CA GLU A 289 18.10 -5.97 7.45
C GLU A 289 18.21 -6.47 8.88
N LEU A 290 17.21 -7.22 9.28
CA LEU A 290 17.09 -7.78 10.60
C LEU A 290 17.85 -9.09 10.68
N GLU A 291 18.23 -9.46 11.91
CA GLU A 291 18.68 -10.82 12.21
C GLU A 291 17.49 -11.71 12.48
N LEU A 292 17.14 -12.55 11.52
CA LEU A 292 15.99 -13.39 11.65
C LEU A 292 16.31 -14.74 12.33
N LEU A 293 15.35 -15.30 13.03
CA LEU A 293 15.46 -16.62 13.59
C LEU A 293 15.24 -17.64 12.45
N ALA A 294 15.66 -18.90 12.66
CA ALA A 294 15.65 -19.93 11.58
C ALA A 294 14.26 -20.11 11.02
N ASP A 295 13.25 -20.15 11.89
CA ASP A 295 11.90 -20.36 11.42
C ASP A 295 11.41 -19.17 10.56
N GLU A 296 11.85 -17.96 10.91
CA GLU A 296 11.40 -16.76 10.22
C GLU A 296 12.01 -16.71 8.85
N LYS A 297 13.26 -17.10 8.81
CA LYS A 297 13.97 -17.11 7.57
C LYS A 297 13.40 -18.19 6.60
N GLU A 298 13.06 -19.38 7.11
CA GLU A 298 12.38 -20.39 6.26
C GLU A 298 11.08 -19.87 5.73
N ALA A 299 10.28 -19.21 6.60
CA ALA A 299 9.00 -18.64 6.15
C ALA A 299 9.20 -17.61 5.05
N LEU A 300 10.20 -16.76 5.23
CA LEU A 300 10.49 -15.73 4.22
C LEU A 300 11.00 -16.34 2.90
N ASP A 301 11.77 -17.41 2.99
CA ASP A 301 12.17 -18.13 1.80
C ASP A 301 10.96 -18.66 1.06
N ARG A 302 9.96 -19.17 1.80
CA ARG A 302 8.76 -19.63 1.14
C ARG A 302 8.00 -18.49 0.46
N SER A 303 7.97 -17.34 1.11
CA SER A 303 7.29 -16.17 0.57
C SER A 303 7.97 -15.73 -0.70
N VAL A 304 9.31 -15.69 -0.67
CA VAL A 304 10.09 -15.39 -1.91
C VAL A 304 9.76 -16.34 -3.05
N GLU A 305 9.69 -17.63 -2.78
CA GLU A 305 9.43 -18.61 -3.83
C GLU A 305 8.02 -18.37 -4.39
N SER A 306 7.09 -18.06 -3.50
CA SER A 306 5.71 -17.80 -3.91
C SER A 306 5.62 -16.56 -4.86
N VAL A 307 6.29 -15.49 -4.51
CA VAL A 307 6.33 -14.29 -5.31
C VAL A 307 6.98 -14.55 -6.65
N ARG A 308 8.08 -15.29 -6.63
CA ARG A 308 8.75 -15.59 -7.88
C ARG A 308 7.89 -16.46 -8.82
N ASN A 309 7.08 -17.34 -8.25
CA ASN A 309 6.15 -18.13 -9.05
C ASN A 309 5.07 -17.30 -9.72
N VAL A 310 4.60 -16.27 -9.03
CA VAL A 310 3.61 -15.36 -9.59
C VAL A 310 4.29 -14.50 -10.68
N MET A 311 5.56 -14.11 -10.48
CA MET A 311 6.31 -13.32 -11.47
C MET A 311 6.41 -14.04 -12.79
N LYS A 312 6.44 -15.37 -12.77
CA LYS A 312 6.61 -16.13 -14.04
C LYS A 312 5.44 -15.85 -14.99
N VAL A 313 4.31 -15.44 -14.42
CA VAL A 313 3.12 -15.15 -15.25
C VAL A 313 3.32 -13.87 -16.11
N LEU A 314 4.13 -12.93 -15.64
CA LEU A 314 4.31 -11.64 -16.31
C LEU A 314 4.90 -11.82 -17.66
N VAL A 315 4.43 -11.06 -18.62
CA VAL A 315 5.00 -11.15 -19.97
C VAL A 315 5.74 -9.88 -20.37
C1 EDO B . -3.86 -11.15 -4.45
O1 EDO B . -2.65 -11.15 -3.72
C2 EDO B . -3.99 -11.97 -5.69
O2 EDO B . -5.12 -12.91 -5.76
S SCN C . 2.91 -12.00 -5.63
C SCN C . 2.25 -11.14 -4.57
N SCN C . 1.83 -10.52 -3.71
C1 EDO D . -6.68 4.30 -15.69
O1 EDO D . -6.51 5.56 -16.10
C2 EDO D . -7.13 4.45 -14.29
O2 EDO D . -7.98 3.48 -14.03
S SCN E . -2.26 -5.36 29.17
C SCN E . -1.81 -5.87 30.51
N SCN E . -1.41 -6.21 31.56
#